data_7ZM2
#
_entry.id   7ZM2
#
_cell.length_a   76.834
_cell.length_b   87.187
_cell.length_c   105.914
_cell.angle_alpha   90.000
_cell.angle_beta   90.000
_cell.angle_gamma   90.000
#
_symmetry.space_group_name_H-M   'P 2 2 21'
#
loop_
_entity.id
_entity.type
_entity.pdbx_description
1 polymer '4,5:9,10-diseco-3-hydroxy-5,9,17-trioxoandrosta-1(10),2-diene-4-oate hydrolase'
2 non-polymer 'methoxy-[(3~{R})-3-[(2~{R})-1-methoxy-1,3-bis(oxidanylidene)butan-2-yl]pentadecyl]phosphinic acid'
3 non-polymer 'SULFATE ION'
4 water water
#
_entity_poly.entity_id   1
_entity_poly.type   'polypeptide(L)'
_entity_poly.pdbx_seq_one_letter_code
;MTATEELTFESTSRFAEVDVDGPLKLHYHEAGVGNDQTVVLLHGGGPGAASWTNFSRNIAVLARHFHVLAVDQPGYGHSD
KRAEHGQFNRYAAMALKGLFDQLGLGRVPLVGNSLGGGTAVRFALDYPARAGRLVLMGPGGLSINLFAPDPTEGVKRLSK
FSVAPTRENLEAFLRVMVYDKNLITPELVDQRFALASTPESLTATRAMGKSFAGADFEAGMMWREVYRLRQPVLLIWGRE
DRVNPLDGALVALKTIPRAQLHVFGQCGHWVQVEKFDEFNKLTIEFLGGGRKLHHHHHH
;
_entity_poly.pdbx_strand_id   A,B
#
# COMPACT_ATOMS: atom_id res chain seq x y z
N LEU A 7 -21.42 1.94 -20.23
CA LEU A 7 -21.48 1.70 -18.74
C LEU A 7 -22.79 2.25 -18.18
N THR A 8 -23.51 1.47 -17.35
CA THR A 8 -24.78 1.92 -16.71
C THR A 8 -24.76 1.64 -15.21
N PHE A 9 -25.67 2.28 -14.50
CA PHE A 9 -25.97 1.96 -13.07
C PHE A 9 -26.09 0.44 -12.93
N GLU A 10 -26.83 -0.18 -13.86
CA GLU A 10 -27.29 -1.58 -13.73
C GLU A 10 -26.15 -2.53 -14.11
N SER A 11 -25.41 -2.23 -15.18
CA SER A 11 -24.29 -3.08 -15.67
C SER A 11 -23.18 -3.07 -14.61
N THR A 12 -22.95 -1.92 -13.96
CA THR A 12 -21.84 -1.71 -12.98
C THR A 12 -22.24 -2.19 -11.58
N SER A 13 -23.53 -2.41 -11.31
CA SER A 13 -24.02 -2.63 -9.93
C SER A 13 -23.48 -3.94 -9.33
N ARG A 14 -23.20 -3.95 -8.02
CA ARG A 14 -22.69 -5.11 -7.28
C ARG A 14 -23.13 -4.97 -5.84
N PHE A 15 -23.30 -6.09 -5.14
CA PHE A 15 -23.48 -6.14 -3.67
C PHE A 15 -22.44 -7.07 -3.07
N ALA A 16 -22.10 -6.83 -1.82
CA ALA A 16 -21.31 -7.74 -1.00
C ALA A 16 -21.88 -7.67 0.40
N GLU A 17 -21.57 -8.68 1.20
CA GLU A 17 -22.01 -8.67 2.60
C GLU A 17 -20.76 -8.77 3.47
N VAL A 18 -20.66 -7.93 4.47
CA VAL A 18 -19.48 -7.87 5.35
C VAL A 18 -20.02 -7.81 6.78
N ASP A 19 -19.17 -8.14 7.73
CA ASP A 19 -19.54 -8.23 9.14
C ASP A 19 -18.99 -6.97 9.77
N VAL A 20 -19.88 -6.05 10.06
CA VAL A 20 -19.60 -4.86 10.90
C VAL A 20 -20.63 -4.88 12.02
N ASP A 21 -20.25 -5.38 13.21
CA ASP A 21 -21.17 -5.64 14.34
C ASP A 21 -22.43 -6.28 13.74
N GLY A 22 -22.29 -7.36 12.97
CA GLY A 22 -23.40 -8.11 12.33
C GLY A 22 -23.39 -7.89 10.82
N PRO A 23 -24.16 -8.67 10.03
CA PRO A 23 -24.15 -8.53 8.56
C PRO A 23 -24.54 -7.12 8.06
N LEU A 24 -23.87 -6.69 7.00
CA LEU A 24 -23.99 -5.33 6.45
C LEU A 24 -23.90 -5.46 4.95
N LYS A 25 -24.97 -5.07 4.29
CA LYS A 25 -25.07 -5.10 2.82
C LYS A 25 -24.42 -3.80 2.31
N LEU A 26 -23.48 -3.93 1.38
CA LEU A 26 -22.81 -2.81 0.68
C LEU A 26 -23.14 -2.91 -0.78
N HIS A 27 -23.66 -1.81 -1.32
CA HIS A 27 -23.80 -1.60 -2.79
C HIS A 27 -22.55 -0.88 -3.33
N TYR A 28 -22.06 -1.26 -4.51
CA TYR A 28 -20.91 -0.57 -5.16
C TYR A 28 -21.06 -0.73 -6.66
N HIS A 29 -20.37 0.11 -7.42
CA HIS A 29 -20.28 -0.02 -8.87
C HIS A 29 -18.86 -0.43 -9.20
N GLU A 30 -18.72 -1.26 -10.22
CA GLU A 30 -17.43 -1.79 -10.68
C GLU A 30 -17.39 -1.55 -12.17
N ALA A 31 -16.28 -1.00 -12.67
CA ALA A 31 -16.01 -0.68 -14.09
C ALA A 31 -14.52 -0.75 -14.35
N GLY A 32 -14.15 -0.87 -15.62
CA GLY A 32 -12.77 -1.08 -16.11
C GLY A 32 -12.13 -2.35 -15.53
N VAL A 33 -12.82 -3.50 -15.53
CA VAL A 33 -12.31 -4.79 -14.97
C VAL A 33 -11.04 -5.21 -15.74
N GLY A 34 -10.81 -4.77 -16.96
CA GLY A 34 -9.55 -5.06 -17.68
C GLY A 34 -8.31 -4.51 -16.97
N ASN A 35 -8.39 -3.35 -16.32
CA ASN A 35 -7.22 -2.52 -15.91
C ASN A 35 -6.60 -3.05 -14.61
N ASP A 36 -5.26 -3.03 -14.55
CA ASP A 36 -4.43 -3.51 -13.40
C ASP A 36 -4.65 -2.67 -12.13
N GLN A 37 -4.67 -1.35 -12.23
CA GLN A 37 -4.69 -0.44 -11.04
C GLN A 37 -6.13 -0.23 -10.58
N THR A 38 -6.49 -0.78 -9.41
CA THR A 38 -7.76 -0.53 -8.73
C THR A 38 -7.69 0.83 -8.01
N VAL A 39 -8.80 1.55 -8.06
CA VAL A 39 -9.05 2.80 -7.30
C VAL A 39 -10.45 2.71 -6.70
N VAL A 40 -10.61 3.07 -5.45
CA VAL A 40 -11.92 3.16 -4.77
C VAL A 40 -12.38 4.63 -4.66
N LEU A 41 -13.66 4.89 -5.01
CA LEU A 41 -14.33 6.21 -5.04
C LEU A 41 -15.30 6.23 -3.86
N LEU A 42 -15.20 7.22 -2.99
CA LEU A 42 -16.18 7.40 -1.89
C LEU A 42 -16.85 8.76 -2.05
N HIS A 43 -18.18 8.74 -2.13
CA HIS A 43 -19.00 9.92 -2.47
C HIS A 43 -19.14 10.84 -1.26
N GLY A 44 -19.67 12.03 -1.51
CA GLY A 44 -20.04 13.02 -0.49
C GLY A 44 -21.27 12.61 0.28
N GLY A 45 -21.58 13.31 1.38
CA GLY A 45 -22.52 12.83 2.42
C GLY A 45 -23.82 13.64 2.57
N GLY A 46 -24.21 14.39 1.54
CA GLY A 46 -25.46 15.16 1.47
C GLY A 46 -26.69 14.26 1.34
N PRO A 47 -27.85 14.73 1.79
CA PRO A 47 -29.08 13.95 1.67
C PRO A 47 -29.28 13.46 0.25
N GLY A 48 -29.37 12.13 0.09
CA GLY A 48 -29.71 11.44 -1.16
C GLY A 48 -28.52 11.19 -2.08
N ALA A 49 -27.31 11.51 -1.61
CA ALA A 49 -26.07 11.23 -2.37
C ALA A 49 -25.88 9.70 -2.49
N ALA A 50 -25.29 9.26 -3.59
CA ALA A 50 -24.82 7.87 -3.74
C ALA A 50 -23.66 7.91 -4.74
N SER A 51 -23.00 6.78 -5.00
CA SER A 51 -21.79 6.72 -5.82
C SER A 51 -22.12 7.17 -7.24
N TRP A 52 -23.14 6.60 -7.85
CA TRP A 52 -23.34 6.67 -9.31
C TRP A 52 -23.56 8.13 -9.76
N THR A 53 -24.39 8.86 -9.03
CA THR A 53 -24.76 10.28 -9.25
C THR A 53 -23.64 11.24 -8.78
N ASN A 54 -22.95 10.93 -7.69
CA ASN A 54 -21.87 11.80 -7.16
C ASN A 54 -20.73 11.77 -8.17
N PHE A 55 -20.49 10.62 -8.80
CA PHE A 55 -19.31 10.45 -9.69
C PHE A 55 -19.68 10.23 -11.17
N SER A 56 -20.88 10.67 -11.59
CA SER A 56 -21.47 10.42 -12.94
C SER A 56 -20.64 11.14 -14.01
N ARG A 57 -19.97 12.26 -13.71
CA ARG A 57 -19.07 12.88 -14.71
C ARG A 57 -17.64 12.32 -14.61
N ASN A 58 -17.41 11.28 -13.79
CA ASN A 58 -16.03 10.85 -13.46
C ASN A 58 -15.83 9.36 -13.76
N ILE A 59 -16.81 8.50 -13.49
CA ILE A 59 -16.60 7.02 -13.48
C ILE A 59 -16.21 6.55 -14.88
N ALA A 60 -16.85 7.07 -15.92
CA ALA A 60 -16.64 6.61 -17.32
C ALA A 60 -15.21 6.93 -17.73
N VAL A 61 -14.75 8.16 -17.46
CA VAL A 61 -13.38 8.62 -17.78
C VAL A 61 -12.37 7.79 -16.96
N LEU A 62 -12.57 7.58 -15.66
CA LEU A 62 -11.58 6.98 -14.76
C LEU A 62 -11.48 5.50 -15.15
N ALA A 63 -12.61 4.87 -15.52
CA ALA A 63 -12.72 3.43 -15.88
C ALA A 63 -11.95 3.14 -17.18
N ARG A 64 -11.59 4.14 -17.99
CA ARG A 64 -10.71 3.90 -19.15
C ARG A 64 -9.30 3.60 -18.64
N HIS A 65 -8.97 4.01 -17.43
CA HIS A 65 -7.56 3.94 -16.94
C HIS A 65 -7.42 2.93 -15.78
N PHE A 66 -8.45 2.71 -14.99
CA PHE A 66 -8.36 2.06 -13.67
C PHE A 66 -9.54 1.11 -13.55
N HIS A 67 -9.39 0.14 -12.66
CA HIS A 67 -10.47 -0.75 -12.23
C HIS A 67 -11.13 0.01 -11.09
N VAL A 68 -12.33 0.55 -11.36
CA VAL A 68 -13.05 1.48 -10.47
C VAL A 68 -14.03 0.68 -9.60
N LEU A 69 -13.93 0.92 -8.28
CA LEU A 69 -14.86 0.46 -7.22
C LEU A 69 -15.41 1.73 -6.56
N ALA A 70 -16.61 2.10 -6.92
CA ALA A 70 -17.34 3.26 -6.38
C ALA A 70 -18.38 2.77 -5.38
N VAL A 71 -18.12 2.97 -4.09
CA VAL A 71 -18.87 2.30 -2.98
C VAL A 71 -19.90 3.28 -2.39
N ASP A 72 -21.13 2.82 -2.26
CA ASP A 72 -22.18 3.55 -1.52
C ASP A 72 -21.83 3.32 -0.06
N GLN A 73 -21.54 4.39 0.66
CA GLN A 73 -21.13 4.27 2.08
C GLN A 73 -22.39 3.83 2.84
N PRO A 74 -22.25 3.15 4.00
CA PRO A 74 -23.40 2.80 4.83
C PRO A 74 -24.26 4.03 5.07
N GLY A 75 -25.59 3.91 4.92
CA GLY A 75 -26.53 5.02 5.14
C GLY A 75 -26.93 5.71 3.86
N TYR A 76 -26.47 5.24 2.70
CA TYR A 76 -26.56 5.94 1.41
C TYR A 76 -26.83 4.92 0.31
N GLY A 77 -27.45 5.39 -0.77
CA GLY A 77 -27.62 4.59 -2.00
C GLY A 77 -28.37 3.31 -1.67
N HIS A 78 -27.88 2.19 -2.18
CA HIS A 78 -28.45 0.84 -1.93
C HIS A 78 -27.65 0.10 -0.84
N SER A 79 -26.88 0.76 0.00
CA SER A 79 -26.22 0.11 1.15
C SER A 79 -27.16 0.15 2.36
N ASP A 80 -26.97 -0.75 3.31
CA ASP A 80 -27.83 -0.84 4.51
C ASP A 80 -27.83 0.50 5.20
N LYS A 81 -28.94 0.83 5.84
CA LYS A 81 -29.18 2.12 6.49
C LYS A 81 -29.63 1.81 7.91
N ARG A 82 -28.69 1.45 8.77
CA ARG A 82 -28.98 1.12 10.19
C ARG A 82 -29.32 2.40 10.90
N ALA A 83 -30.08 2.29 11.98
CA ALA A 83 -30.54 3.45 12.77
C ALA A 83 -29.46 3.84 13.78
N GLU A 84 -28.50 2.95 14.05
CA GLU A 84 -27.50 3.09 15.13
C GLU A 84 -26.14 2.58 14.63
N HIS A 85 -25.09 3.34 14.95
CA HIS A 85 -23.70 3.05 14.55
C HIS A 85 -22.85 4.05 15.31
N GLY A 86 -21.55 3.75 15.47
CA GLY A 86 -20.61 4.68 16.14
C GLY A 86 -20.16 5.76 15.16
N GLN A 87 -19.06 6.45 15.47
CA GLN A 87 -18.44 7.53 14.66
C GLN A 87 -18.52 7.14 13.17
N PHE A 88 -19.21 7.93 12.35
CA PHE A 88 -19.57 7.52 10.96
C PHE A 88 -18.34 7.07 10.14
N ASN A 89 -17.34 7.91 10.04
CA ASN A 89 -16.15 7.62 9.18
C ASN A 89 -15.46 6.34 9.63
N ARG A 90 -15.39 6.06 10.94
CA ARG A 90 -14.82 4.78 11.46
C ARG A 90 -15.69 3.60 11.04
N TYR A 91 -16.99 3.76 11.14
CA TYR A 91 -17.98 2.73 10.75
C TYR A 91 -17.84 2.48 9.24
N ALA A 92 -17.79 3.53 8.43
CA ALA A 92 -17.70 3.34 6.95
C ALA A 92 -16.35 2.73 6.59
N ALA A 93 -15.30 3.12 7.29
CA ALA A 93 -13.93 2.59 7.09
C ALA A 93 -13.92 1.08 7.42
N MET A 94 -14.56 0.66 8.50
CA MET A 94 -14.63 -0.79 8.87
C MET A 94 -15.32 -1.55 7.75
N ALA A 95 -16.41 -1.01 7.23
CA ALA A 95 -17.15 -1.71 6.17
C ALA A 95 -16.25 -1.85 4.91
N LEU A 96 -15.55 -0.78 4.57
CA LEU A 96 -14.74 -0.76 3.35
C LEU A 96 -13.65 -1.79 3.55
N LYS A 97 -13.12 -1.90 4.77
CA LYS A 97 -12.02 -2.83 5.08
C LYS A 97 -12.54 -4.27 4.93
N GLY A 98 -13.74 -4.54 5.46
CA GLY A 98 -14.49 -5.79 5.17
C GLY A 98 -14.50 -6.07 3.68
N LEU A 99 -14.86 -5.05 2.90
CA LEU A 99 -15.00 -5.24 1.43
C LEU A 99 -13.61 -5.53 0.83
N PHE A 100 -12.55 -4.80 1.24
CA PHE A 100 -11.17 -5.04 0.72
C PHE A 100 -10.77 -6.52 0.97
N ASP A 101 -11.00 -7.02 2.18
CA ASP A 101 -10.64 -8.42 2.57
C ASP A 101 -11.41 -9.38 1.65
N GLN A 102 -12.71 -9.15 1.45
CA GLN A 102 -13.59 -10.03 0.62
C GLN A 102 -13.11 -10.06 -0.82
N LEU A 103 -12.73 -8.92 -1.41
CA LEU A 103 -12.32 -8.85 -2.83
C LEU A 103 -10.83 -9.18 -3.01
N GLY A 104 -10.09 -9.45 -1.93
CA GLY A 104 -8.64 -9.78 -1.98
C GLY A 104 -7.74 -8.57 -2.27
N LEU A 105 -8.17 -7.36 -1.93
CA LEU A 105 -7.36 -6.17 -2.24
C LEU A 105 -6.23 -6.06 -1.22
N GLY A 106 -5.05 -5.65 -1.67
CA GLY A 106 -3.91 -5.28 -0.81
C GLY A 106 -3.89 -3.78 -0.54
N ARG A 107 -3.02 -3.07 -1.24
CA ARG A 107 -2.81 -1.62 -1.03
C ARG A 107 -3.43 -0.93 -2.24
N VAL A 108 -4.42 -0.07 -2.01
CA VAL A 108 -5.26 0.53 -3.09
C VAL A 108 -5.43 2.03 -2.85
N PRO A 109 -5.25 2.85 -3.92
CA PRO A 109 -5.54 4.30 -3.82
C PRO A 109 -7.05 4.56 -3.65
N LEU A 110 -7.36 5.65 -2.96
CA LEU A 110 -8.74 6.07 -2.63
C LEU A 110 -8.94 7.50 -3.10
N VAL A 111 -10.12 7.76 -3.64
CA VAL A 111 -10.56 9.12 -4.04
C VAL A 111 -11.82 9.40 -3.24
N GLY A 112 -11.91 10.51 -2.51
CA GLY A 112 -13.06 10.79 -1.66
C GLY A 112 -13.43 12.24 -1.59
N ASN A 113 -14.71 12.49 -1.77
CA ASN A 113 -15.37 13.82 -1.72
C ASN A 113 -15.98 13.99 -0.33
N SER A 114 -15.76 15.11 0.41
CA SER A 114 -16.55 15.53 1.63
C SER A 114 -16.52 14.41 2.70
N LEU A 115 -17.68 13.85 3.09
CA LEU A 115 -17.79 12.73 4.03
C LEU A 115 -16.90 11.57 3.59
N GLY A 116 -16.88 11.29 2.30
CA GLY A 116 -16.12 10.22 1.67
C GLY A 116 -14.63 10.45 1.82
N GLY A 117 -14.18 11.70 1.75
CA GLY A 117 -12.78 12.03 2.07
C GLY A 117 -12.47 11.72 3.53
N GLY A 118 -13.35 12.11 4.46
CA GLY A 118 -13.26 11.67 5.88
C GLY A 118 -13.12 10.15 5.96
N THR A 119 -13.90 9.42 5.18
CA THR A 119 -13.90 7.95 5.31
C THR A 119 -12.56 7.43 4.76
N ALA A 120 -12.13 7.96 3.62
CA ALA A 120 -10.82 7.62 3.04
C ALA A 120 -9.72 7.89 4.07
N VAL A 121 -9.76 9.05 4.74
CA VAL A 121 -8.61 9.38 5.63
C VAL A 121 -8.66 8.41 6.83
N ARG A 122 -9.84 8.19 7.39
CA ARG A 122 -9.99 7.31 8.58
C ARG A 122 -9.54 5.89 8.19
N PHE A 123 -9.86 5.45 6.96
CA PHE A 123 -9.42 4.13 6.43
C PHE A 123 -7.88 4.07 6.42
N ALA A 124 -7.27 5.13 5.90
CA ALA A 124 -5.83 5.25 5.67
C ALA A 124 -5.10 5.33 7.02
N LEU A 125 -5.73 5.85 8.05
CA LEU A 125 -5.09 5.92 9.39
C LEU A 125 -5.28 4.58 10.13
N ASP A 126 -6.44 3.95 10.01
CA ASP A 126 -6.75 2.72 10.76
C ASP A 126 -6.14 1.51 10.04
N TYR A 127 -5.98 1.54 8.72
CA TYR A 127 -5.49 0.37 7.94
C TYR A 127 -4.41 0.85 7.00
N PRO A 128 -3.31 1.34 7.59
CA PRO A 128 -2.36 2.20 6.89
C PRO A 128 -1.73 1.47 5.71
N ALA A 129 -1.49 0.16 5.84
CA ALA A 129 -0.84 -0.59 4.74
C ALA A 129 -1.85 -0.81 3.61
N ARG A 130 -3.13 -0.49 3.81
CA ARG A 130 -4.18 -0.90 2.81
C ARG A 130 -4.51 0.28 1.88
N ALA A 131 -4.12 1.51 2.24
CA ALA A 131 -4.45 2.71 1.43
C ALA A 131 -3.23 3.18 0.64
N GLY A 132 -3.32 3.30 -0.68
CA GLY A 132 -2.22 3.92 -1.43
C GLY A 132 -2.39 5.45 -1.45
N ARG A 133 -2.08 6.08 -2.58
CA ARG A 133 -2.29 7.54 -2.80
C ARG A 133 -3.78 7.89 -2.54
N LEU A 134 -4.02 9.03 -1.91
CA LEU A 134 -5.37 9.56 -1.65
C LEU A 134 -5.58 10.79 -2.51
N VAL A 135 -6.76 10.93 -3.07
CA VAL A 135 -7.25 12.17 -3.66
C VAL A 135 -8.48 12.53 -2.84
N LEU A 136 -8.49 13.71 -2.24
CA LEU A 136 -9.54 14.15 -1.30
C LEU A 136 -10.04 15.50 -1.76
N MET A 137 -11.33 15.63 -2.04
CA MET A 137 -11.93 16.90 -2.52
C MET A 137 -12.76 17.47 -1.39
N GLY A 138 -12.41 18.64 -0.90
CA GLY A 138 -13.18 19.34 0.17
C GLY A 138 -13.48 18.40 1.31
N PRO A 139 -12.52 17.56 1.74
CA PRO A 139 -12.82 16.46 2.67
C PRO A 139 -13.24 16.90 4.08
N GLY A 140 -14.14 16.15 4.73
CA GLY A 140 -14.40 16.31 6.18
C GLY A 140 -13.30 15.60 6.99
N GLY A 141 -13.30 15.80 8.29
CA GLY A 141 -12.43 15.03 9.19
C GLY A 141 -11.05 15.65 9.27
N LEU A 142 -10.28 15.68 8.18
CA LEU A 142 -8.93 16.31 8.25
C LEU A 142 -9.06 17.83 8.13
N SER A 143 -10.20 18.34 7.76
CA SER A 143 -10.42 19.79 7.62
C SER A 143 -10.70 20.32 9.02
N ILE A 144 -10.05 21.40 9.39
CA ILE A 144 -10.39 22.22 10.59
C ILE A 144 -10.40 23.69 10.13
N ASN A 145 -11.54 24.36 10.20
CA ASN A 145 -11.77 25.69 9.58
C ASN A 145 -11.14 26.70 10.53
N LEU A 146 -9.84 27.03 10.35
CA LEU A 146 -9.13 27.92 11.28
C LEU A 146 -9.79 29.30 11.33
N PHE A 147 -10.46 29.74 10.25
CA PHE A 147 -11.10 31.08 10.27
C PHE A 147 -12.63 30.94 10.29
N ALA A 148 -13.27 29.99 9.62
CA ALA A 148 -14.75 30.05 9.48
C ALA A 148 -15.39 29.67 10.80
N PRO A 149 -16.27 30.49 11.42
CA PRO A 149 -17.04 30.03 12.57
C PRO A 149 -17.83 28.76 12.20
N ASP A 150 -17.80 27.75 13.04
CA ASP A 150 -18.54 26.47 12.88
C ASP A 150 -19.86 26.51 13.68
N PRO A 151 -21.01 26.01 13.19
CA PRO A 151 -21.09 25.33 11.89
C PRO A 151 -21.11 26.38 10.76
N THR A 152 -20.60 26.01 9.60
CA THR A 152 -20.60 26.83 8.38
C THR A 152 -22.02 26.84 7.87
N GLU A 153 -22.27 27.75 6.94
CA GLU A 153 -23.52 27.95 6.21
C GLU A 153 -23.92 26.65 5.56
N GLY A 154 -22.99 25.93 4.94
CA GLY A 154 -23.31 24.62 4.35
C GLY A 154 -23.81 23.63 5.40
N VAL A 155 -23.13 23.56 6.55
CA VAL A 155 -23.44 22.55 7.60
C VAL A 155 -24.80 22.97 8.22
N LYS A 156 -25.05 24.26 8.41
CA LYS A 156 -26.36 24.71 8.95
C LYS A 156 -27.51 24.26 8.05
N ARG A 157 -27.38 24.42 6.74
CA ARG A 157 -28.44 24.04 5.79
C ARG A 157 -28.71 22.54 5.82
N LEU A 158 -27.68 21.72 5.98
CA LEU A 158 -27.79 20.26 6.09
C LEU A 158 -28.57 19.95 7.35
N SER A 159 -28.21 20.56 8.48
CA SER A 159 -28.95 20.38 9.76
C SER A 159 -30.42 20.81 9.59
N LYS A 160 -30.69 21.95 9.00
CA LYS A 160 -32.08 22.43 8.87
C LYS A 160 -32.87 21.37 8.07
N PHE A 161 -32.32 20.81 7.01
CA PHE A 161 -33.01 19.75 6.26
C PHE A 161 -33.29 18.54 7.15
N SER A 162 -32.35 18.13 8.00
CA SER A 162 -32.57 16.90 8.80
C SER A 162 -33.73 17.10 9.80
N VAL A 163 -33.92 18.30 10.34
CA VAL A 163 -35.03 18.68 11.28
C VAL A 163 -36.33 18.89 10.47
N ALA A 164 -36.28 19.45 9.26
CA ALA A 164 -37.45 19.80 8.40
C ALA A 164 -37.17 19.34 6.97
N PRO A 165 -37.30 18.04 6.67
CA PRO A 165 -36.90 17.53 5.37
C PRO A 165 -37.88 17.83 4.24
N THR A 166 -37.93 19.09 3.86
CA THR A 166 -38.71 19.58 2.69
C THR A 166 -37.85 19.70 1.43
N ARG A 167 -38.49 19.76 0.27
CA ARG A 167 -37.83 20.02 -1.03
C ARG A 167 -37.16 21.38 -0.98
N GLU A 168 -37.76 22.36 -0.35
CA GLU A 168 -37.19 23.71 -0.24
C GLU A 168 -35.88 23.70 0.55
N ASN A 169 -35.81 23.01 1.70
CA ASN A 169 -34.58 22.93 2.52
C ASN A 169 -33.51 22.12 1.78
N LEU A 170 -33.87 21.16 0.94
CA LEU A 170 -32.85 20.40 0.23
C LEU A 170 -32.28 21.30 -0.85
N GLU A 171 -33.12 22.04 -1.58
CA GLU A 171 -32.66 22.92 -2.65
C GLU A 171 -31.77 23.99 -2.03
N ALA A 172 -32.15 24.54 -0.87
CA ALA A 172 -31.31 25.55 -0.24
C ALA A 172 -29.92 24.92 0.10
N PHE A 173 -29.89 23.66 0.53
CA PHE A 173 -28.62 22.98 0.82
C PHE A 173 -27.85 22.75 -0.49
N LEU A 174 -28.45 22.20 -1.51
CA LEU A 174 -27.72 21.98 -2.76
C LEU A 174 -27.14 23.29 -3.33
N ARG A 175 -27.81 24.42 -3.17
CA ARG A 175 -27.37 25.68 -3.79
C ARG A 175 -26.09 26.22 -3.11
N VAL A 176 -25.80 25.89 -1.85
CA VAL A 176 -24.51 26.30 -1.28
C VAL A 176 -23.45 25.23 -1.56
N MET A 177 -23.77 24.15 -2.29
CA MET A 177 -22.78 23.13 -2.70
C MET A 177 -21.97 23.63 -3.87
N VAL A 178 -22.48 24.56 -4.65
CA VAL A 178 -21.84 24.80 -5.96
C VAL A 178 -21.64 26.29 -6.13
N TYR A 179 -20.77 26.70 -7.04
CA TYR A 179 -20.55 28.14 -7.29
C TYR A 179 -21.64 28.54 -8.28
N ASP A 180 -21.82 27.76 -9.33
CA ASP A 180 -22.82 28.08 -10.37
C ASP A 180 -24.14 27.39 -10.03
N LYS A 181 -25.07 28.14 -9.45
CA LYS A 181 -26.43 27.71 -9.03
C LYS A 181 -27.20 27.00 -10.15
N ASN A 182 -26.97 27.32 -11.42
CA ASN A 182 -27.72 26.66 -12.53
C ASN A 182 -27.39 25.16 -12.56
N LEU A 183 -26.31 24.67 -11.95
CA LEU A 183 -26.09 23.19 -11.86
C LEU A 183 -27.23 22.54 -11.01
N ILE A 184 -27.88 23.30 -10.15
CA ILE A 184 -28.94 22.74 -9.30
C ILE A 184 -30.26 22.85 -10.06
N THR A 185 -30.49 21.91 -10.97
CA THR A 185 -31.64 21.84 -11.90
C THR A 185 -32.85 21.23 -11.18
N PRO A 186 -34.08 21.62 -11.58
CA PRO A 186 -35.31 21.01 -11.06
C PRO A 186 -35.27 19.48 -11.00
N GLU A 187 -34.72 18.81 -12.01
CA GLU A 187 -34.54 17.34 -12.07
C GLU A 187 -33.62 16.86 -10.95
N LEU A 188 -32.46 17.49 -10.81
CA LEU A 188 -31.43 17.04 -9.85
C LEU A 188 -32.10 17.06 -8.48
N VAL A 189 -32.74 18.17 -8.16
CA VAL A 189 -33.42 18.36 -6.84
C VAL A 189 -34.45 17.24 -6.67
N ASP A 190 -35.19 16.87 -7.72
CA ASP A 190 -36.28 15.85 -7.65
C ASP A 190 -35.68 14.50 -7.39
N GLN A 191 -34.62 14.18 -8.13
CA GLN A 191 -33.92 12.90 -7.93
C GLN A 191 -33.37 12.81 -6.50
N ARG A 192 -32.68 13.85 -6.01
CA ARG A 192 -31.99 13.77 -4.70
C ARG A 192 -33.06 13.76 -3.61
N PHE A 193 -34.13 14.55 -3.80
CA PHE A 193 -35.18 14.66 -2.77
C PHE A 193 -35.92 13.34 -2.62
N ALA A 194 -36.17 12.65 -3.75
CA ALA A 194 -36.85 11.34 -3.77
C ALA A 194 -36.05 10.34 -2.91
N LEU A 195 -34.73 10.26 -3.09
CA LEU A 195 -33.86 9.34 -2.28
C LEU A 195 -33.77 9.85 -0.84
N ALA A 196 -33.54 11.14 -0.62
CA ALA A 196 -33.30 11.72 0.72
C ALA A 196 -34.50 11.56 1.67
N SER A 197 -35.74 11.48 1.14
CA SER A 197 -36.99 11.65 1.95
C SER A 197 -37.58 10.31 2.41
N THR A 198 -37.24 9.16 1.76
CA THR A 198 -37.47 7.79 2.32
C THR A 198 -37.22 7.78 3.83
N PRO A 199 -38.05 7.07 4.63
CA PRO A 199 -37.79 6.96 6.08
C PRO A 199 -36.49 6.22 6.43
N GLU A 200 -36.08 5.23 5.61
CA GLU A 200 -34.76 4.52 5.68
C GLU A 200 -33.59 5.55 5.63
N SER A 201 -33.56 6.42 4.60
CA SER A 201 -32.59 7.53 4.41
C SER A 201 -32.63 8.51 5.56
N LEU A 202 -33.81 8.91 6.04
CA LEU A 202 -33.89 9.92 7.11
C LEU A 202 -33.41 9.27 8.41
N THR A 203 -33.77 8.02 8.62
CA THR A 203 -33.15 7.18 9.69
C THR A 203 -31.62 7.33 9.59
N ALA A 204 -31.02 7.01 8.45
CA ALA A 204 -29.54 7.07 8.24
C ALA A 204 -29.06 8.50 8.54
N THR A 205 -29.74 9.49 7.97
CA THR A 205 -29.36 10.92 8.08
C THR A 205 -29.36 11.33 9.55
N ARG A 206 -30.35 10.93 10.32
CA ARG A 206 -30.39 11.27 11.77
C ARG A 206 -29.15 10.62 12.41
N ALA A 207 -29.07 9.27 12.30
CA ALA A 207 -28.02 8.42 12.92
C ALA A 207 -26.67 9.10 12.72
N MET A 208 -26.39 9.53 11.49
CA MET A 208 -25.07 10.08 11.10
C MET A 208 -24.79 11.38 11.85
N GLY A 209 -25.85 12.16 12.11
CA GLY A 209 -25.82 13.38 12.94
C GLY A 209 -25.32 13.09 14.34
N LYS A 210 -26.13 12.35 15.12
CA LYS A 210 -25.78 11.87 16.48
C LYS A 210 -24.35 11.31 16.50
N SER A 211 -23.97 10.53 15.48
CA SER A 211 -22.71 9.75 15.38
C SER A 211 -21.47 10.62 15.61
N PHE A 212 -21.53 11.94 15.42
CA PHE A 212 -20.31 12.80 15.45
C PHE A 212 -20.12 13.43 16.83
N ALA A 213 -21.19 13.53 17.64
CA ALA A 213 -21.22 14.21 18.95
C ALA A 213 -21.32 13.20 20.11
N GLY A 214 -20.29 12.37 20.31
CA GLY A 214 -20.25 11.32 21.35
C GLY A 214 -18.96 11.37 22.15
N ALA A 215 -18.46 10.25 22.67
CA ALA A 215 -17.20 10.21 23.46
C ALA A 215 -16.01 9.97 22.52
N ASP A 216 -16.28 9.47 21.30
CA ASP A 216 -15.26 9.16 20.25
C ASP A 216 -15.27 10.28 19.19
N PHE A 217 -15.58 11.52 19.56
CA PHE A 217 -15.42 12.71 18.69
C PHE A 217 -13.94 12.85 18.24
N GLU A 218 -12.96 12.35 19.01
CA GLU A 218 -11.50 12.37 18.66
C GLU A 218 -11.27 11.68 17.31
N ALA A 219 -12.00 10.63 16.99
CA ALA A 219 -11.86 9.89 15.71
C ALA A 219 -12.30 10.77 14.53
N GLY A 220 -13.10 11.81 14.77
CA GLY A 220 -13.51 12.79 13.76
C GLY A 220 -12.52 13.93 13.59
N MET A 221 -11.57 14.09 14.49
CA MET A 221 -10.60 15.20 14.42
C MET A 221 -9.31 14.68 13.78
N MET A 222 -9.40 14.25 12.53
CA MET A 222 -8.31 13.58 11.79
C MET A 222 -7.18 14.56 11.48
N TRP A 223 -7.41 15.86 11.60
CA TRP A 223 -6.34 16.86 11.44
C TRP A 223 -5.25 16.70 12.51
N ARG A 224 -5.54 16.02 13.61
CA ARG A 224 -4.57 15.67 14.66
C ARG A 224 -3.70 14.48 14.26
N GLU A 225 -4.08 13.67 13.29
CA GLU A 225 -3.43 12.35 12.99
C GLU A 225 -2.81 12.31 11.56
N VAL A 226 -3.15 13.21 10.63
CA VAL A 226 -2.66 13.04 9.20
C VAL A 226 -1.16 13.30 9.02
N TYR A 227 -0.45 13.84 10.02
CA TYR A 227 1.05 13.94 9.97
C TYR A 227 1.64 12.54 9.88
N ARG A 228 0.90 11.49 10.23
CA ARG A 228 1.35 10.09 10.16
C ARG A 228 1.11 9.53 8.75
N LEU A 229 0.37 10.17 7.84
CA LEU A 229 0.17 9.57 6.49
C LEU A 229 1.50 9.60 5.70
N ARG A 230 1.96 8.47 5.17
CA ARG A 230 3.25 8.34 4.47
C ARG A 230 3.05 8.42 2.96
N GLN A 231 1.83 8.40 2.48
CA GLN A 231 1.61 8.35 1.02
C GLN A 231 1.47 9.76 0.48
N PRO A 232 1.68 9.94 -0.85
CA PRO A 232 1.19 11.12 -1.52
C PRO A 232 -0.33 11.31 -1.36
N VAL A 233 -0.71 12.57 -1.18
CA VAL A 233 -2.10 13.00 -0.89
C VAL A 233 -2.34 14.27 -1.66
N LEU A 234 -3.30 14.21 -2.58
CA LEU A 234 -3.73 15.37 -3.37
C LEU A 234 -5.01 15.92 -2.74
N LEU A 235 -4.92 17.09 -2.14
CA LEU A 235 -6.07 17.83 -1.62
C LEU A 235 -6.60 18.67 -2.77
N ILE A 236 -7.90 18.64 -3.05
CA ILE A 236 -8.48 19.49 -4.10
C ILE A 236 -9.60 20.25 -3.46
N TRP A 237 -9.71 21.55 -3.70
CA TRP A 237 -10.73 22.39 -3.05
C TRP A 237 -11.29 23.34 -4.07
N GLY A 238 -12.56 23.67 -3.96
CA GLY A 238 -13.06 24.86 -4.65
C GLY A 238 -12.79 26.05 -3.74
N ARG A 239 -12.34 27.15 -4.30
CA ARG A 239 -12.16 28.42 -3.56
C ARG A 239 -13.49 28.84 -2.90
N GLU A 240 -14.63 28.61 -3.53
CA GLU A 240 -15.92 29.13 -2.99
C GLU A 240 -16.66 28.03 -2.23
N ASP A 241 -16.00 27.02 -1.71
CA ASP A 241 -16.65 25.93 -0.95
C ASP A 241 -17.23 26.53 0.33
N ARG A 242 -18.53 26.42 0.54
CA ARG A 242 -19.19 27.02 1.71
C ARG A 242 -19.59 25.93 2.69
N VAL A 243 -19.23 24.66 2.49
CA VAL A 243 -19.49 23.59 3.49
C VAL A 243 -18.24 23.36 4.35
N ASN A 244 -17.14 23.08 3.65
CA ASN A 244 -15.80 22.87 4.20
C ASN A 244 -14.91 23.91 3.53
N PRO A 245 -14.92 25.13 4.02
CA PRO A 245 -14.15 26.18 3.40
C PRO A 245 -12.64 25.92 3.33
N LEU A 246 -12.01 26.69 2.45
CA LEU A 246 -10.58 26.57 2.09
C LEU A 246 -9.65 26.71 3.28
N ASP A 247 -9.99 27.51 4.28
CA ASP A 247 -9.14 27.61 5.50
C ASP A 247 -9.01 26.22 6.14
N GLY A 248 -9.93 25.30 5.86
CA GLY A 248 -9.86 23.95 6.44
C GLY A 248 -8.83 23.05 5.78
N ALA A 249 -8.15 23.47 4.73
CA ALA A 249 -7.07 22.69 4.07
C ALA A 249 -5.72 22.83 4.75
N LEU A 250 -5.52 23.86 5.56
CA LEU A 250 -4.19 24.35 5.95
C LEU A 250 -3.49 23.37 6.88
N VAL A 251 -4.15 22.79 7.89
CA VAL A 251 -3.40 21.85 8.78
C VAL A 251 -2.96 20.60 7.97
N ALA A 252 -3.83 20.06 7.13
CA ALA A 252 -3.48 18.85 6.36
C ALA A 252 -2.31 19.18 5.40
N LEU A 253 -2.33 20.31 4.71
CA LEU A 253 -1.30 20.66 3.70
C LEU A 253 0.04 20.79 4.40
N LYS A 254 0.05 21.38 5.59
CA LYS A 254 1.28 21.55 6.37
C LYS A 254 1.77 20.19 6.90
N THR A 255 0.90 19.33 7.43
CA THR A 255 1.39 18.21 8.30
C THR A 255 1.57 16.91 7.46
N ILE A 256 0.88 16.80 6.33
CA ILE A 256 1.01 15.55 5.51
C ILE A 256 2.31 15.74 4.73
N PRO A 257 3.39 14.97 5.01
CA PRO A 257 4.69 15.17 4.38
C PRO A 257 4.65 15.22 2.85
N ARG A 258 3.89 14.37 2.18
CA ARG A 258 3.87 14.38 0.69
C ARG A 258 2.55 14.90 0.18
N ALA A 259 1.98 15.90 0.87
CA ALA A 259 0.75 16.59 0.42
C ALA A 259 1.02 17.40 -0.84
N GLN A 260 -0.01 17.51 -1.67
CA GLN A 260 -0.19 18.55 -2.70
C GLN A 260 -1.57 19.18 -2.52
N LEU A 261 -1.78 20.43 -2.96
CA LEU A 261 -3.08 21.13 -2.87
C LEU A 261 -3.35 21.74 -4.24
N HIS A 262 -4.51 21.49 -4.81
CA HIS A 262 -5.02 22.21 -5.99
C HIS A 262 -6.29 22.96 -5.56
N VAL A 263 -6.35 24.27 -5.79
CA VAL A 263 -7.55 25.07 -5.54
C VAL A 263 -8.07 25.60 -6.86
N PHE A 264 -9.39 25.44 -7.09
CA PHE A 264 -10.12 26.00 -8.26
C PHE A 264 -10.94 27.21 -7.81
N GLY A 265 -10.61 28.36 -8.39
CA GLY A 265 -11.47 29.52 -8.40
C GLY A 265 -12.75 29.23 -9.17
N GLN A 266 -13.85 29.85 -8.72
CA GLN A 266 -15.19 29.75 -9.33
C GLN A 266 -15.62 28.31 -9.23
N CYS A 267 -15.48 27.77 -8.02
CA CYS A 267 -15.82 26.37 -7.75
C CYS A 267 -16.18 26.23 -6.28
N GLY A 268 -17.32 25.57 -6.02
CA GLY A 268 -17.81 25.26 -4.67
C GLY A 268 -17.32 23.90 -4.18
N HIS A 269 -18.10 23.28 -3.29
CA HIS A 269 -17.86 21.98 -2.64
C HIS A 269 -17.82 20.79 -3.63
N TRP A 270 -18.49 20.85 -4.77
CA TRP A 270 -18.60 19.71 -5.74
C TRP A 270 -17.60 19.84 -6.87
N VAL A 271 -16.32 19.75 -6.57
CA VAL A 271 -15.25 19.97 -7.57
C VAL A 271 -15.45 18.94 -8.70
N GLN A 272 -15.79 17.70 -8.35
CA GLN A 272 -15.76 16.56 -9.29
C GLN A 272 -16.86 16.81 -10.31
N VAL A 273 -17.85 17.65 -9.98
CA VAL A 273 -18.95 18.08 -10.88
C VAL A 273 -18.61 19.41 -11.54
N GLU A 274 -18.37 20.46 -10.76
CA GLU A 274 -18.19 21.82 -11.35
C GLU A 274 -16.88 21.97 -12.17
N LYS A 275 -15.83 21.19 -11.91
CA LYS A 275 -14.53 21.21 -12.61
C LYS A 275 -14.23 19.77 -13.04
N PHE A 276 -15.23 19.03 -13.49
CA PHE A 276 -15.10 17.57 -13.77
C PHE A 276 -13.86 17.26 -14.64
N ASP A 277 -13.61 18.02 -15.68
CA ASP A 277 -12.55 17.68 -16.67
C ASP A 277 -11.19 17.86 -16.02
N GLU A 278 -10.99 18.97 -15.29
CA GLU A 278 -9.69 19.29 -14.64
C GLU A 278 -9.45 18.31 -13.51
N PHE A 279 -10.49 17.96 -12.76
CA PHE A 279 -10.44 16.96 -11.66
C PHE A 279 -10.09 15.56 -12.20
N ASN A 280 -10.77 15.15 -13.28
CA ASN A 280 -10.52 13.85 -13.94
C ASN A 280 -9.06 13.77 -14.32
N LYS A 281 -8.53 14.83 -14.94
CA LYS A 281 -7.11 14.83 -15.39
C LYS A 281 -6.15 14.88 -14.21
N LEU A 282 -6.40 15.69 -13.17
CA LEU A 282 -5.57 15.68 -11.95
C LEU A 282 -5.54 14.26 -11.38
N THR A 283 -6.71 13.64 -11.26
CA THR A 283 -6.80 12.33 -10.59
C THR A 283 -6.05 11.29 -11.40
N ILE A 284 -6.24 11.29 -12.71
CA ILE A 284 -5.60 10.28 -13.61
C ILE A 284 -4.09 10.43 -13.46
N GLU A 285 -3.59 11.65 -13.54
CA GLU A 285 -2.14 11.92 -13.50
C GLU A 285 -1.56 11.55 -12.11
N PHE A 286 -2.26 11.91 -11.05
CA PHE A 286 -1.76 11.77 -9.67
C PHE A 286 -1.69 10.29 -9.30
N LEU A 287 -2.56 9.48 -9.84
CA LEU A 287 -2.62 8.05 -9.51
C LEU A 287 -1.82 7.21 -10.51
N GLY A 288 -1.15 7.84 -11.47
CA GLY A 288 -0.09 7.20 -12.28
C GLY A 288 -0.50 6.89 -13.71
N GLY A 289 -1.54 7.53 -14.26
CA GLY A 289 -1.95 7.37 -15.68
C GLY A 289 -2.73 6.08 -15.88
N GLY A 290 -2.42 5.03 -15.10
CA GLY A 290 -2.90 3.65 -15.30
C GLY A 290 -2.72 3.19 -16.75
N LEU B 7 25.99 -22.41 -17.41
CA LEU B 7 25.33 -21.18 -16.85
C LEU B 7 26.37 -20.23 -16.31
N THR B 8 26.31 -18.95 -16.71
CA THR B 8 27.28 -17.90 -16.29
C THR B 8 26.55 -16.58 -16.04
N PHE B 9 27.19 -15.69 -15.30
CA PHE B 9 26.74 -14.30 -15.04
C PHE B 9 26.26 -13.72 -16.37
N GLU B 10 27.12 -13.77 -17.40
CA GLU B 10 26.95 -13.15 -18.76
C GLU B 10 25.82 -13.84 -19.54
N SER B 11 25.74 -15.16 -19.54
CA SER B 11 24.72 -15.92 -20.31
C SER B 11 23.33 -15.69 -19.71
N THR B 12 23.23 -15.50 -18.39
CA THR B 12 21.93 -15.40 -17.68
C THR B 12 21.56 -13.93 -17.51
N SER B 13 22.48 -13.03 -17.80
CA SER B 13 22.30 -11.58 -17.50
C SER B 13 21.23 -10.97 -18.41
N ARG B 14 20.29 -10.23 -17.83
CA ARG B 14 19.16 -9.55 -18.49
C ARG B 14 19.00 -8.20 -17.81
N PHE B 15 18.42 -7.24 -18.54
CA PHE B 15 18.01 -5.91 -18.01
C PHE B 15 16.61 -5.56 -18.49
N ALA B 16 15.89 -4.78 -17.72
CA ALA B 16 14.54 -4.27 -18.01
C ALA B 16 14.44 -2.87 -17.39
N GLU B 17 13.74 -1.95 -18.04
CA GLU B 17 13.56 -0.58 -17.54
C GLU B 17 12.13 -0.53 -17.05
N VAL B 18 11.93 -0.15 -15.79
CA VAL B 18 10.56 -0.06 -15.20
C VAL B 18 10.43 1.34 -14.62
N ASP B 19 9.22 1.72 -14.23
CA ASP B 19 8.95 3.11 -13.77
C ASP B 19 8.61 3.08 -12.28
N VAL B 20 9.47 3.68 -11.46
CA VAL B 20 9.22 3.99 -10.03
C VAL B 20 9.77 5.38 -9.76
N ASP B 21 8.87 6.40 -9.73
CA ASP B 21 9.26 7.84 -9.72
C ASP B 21 10.26 8.06 -10.85
N GLY B 22 9.98 7.51 -12.01
CA GLY B 22 10.84 7.67 -13.20
C GLY B 22 11.55 6.39 -13.60
N PRO B 23 12.31 6.42 -14.71
CA PRO B 23 13.05 5.26 -15.19
C PRO B 23 13.91 4.60 -14.10
N LEU B 24 13.89 3.27 -14.06
CA LEU B 24 14.73 2.46 -13.14
C LEU B 24 15.15 1.21 -13.91
N LYS B 25 16.45 1.12 -14.13
CA LYS B 25 17.14 -0.05 -14.72
C LYS B 25 17.24 -1.14 -13.64
N LEU B 26 16.65 -2.28 -13.91
CA LEU B 26 16.77 -3.52 -13.12
C LEU B 26 17.60 -4.53 -13.89
N HIS B 27 18.64 -5.05 -13.25
CA HIS B 27 19.40 -6.24 -13.68
C HIS B 27 18.84 -7.48 -12.98
N TYR B 28 18.73 -8.58 -13.71
CA TYR B 28 18.29 -9.88 -13.19
C TYR B 28 19.00 -10.96 -14.00
N HIS B 29 18.96 -12.18 -13.50
CA HIS B 29 19.49 -13.39 -14.15
C HIS B 29 18.30 -14.27 -14.46
N GLU B 30 18.30 -14.90 -15.62
CA GLU B 30 17.22 -15.82 -16.04
C GLU B 30 17.87 -17.15 -16.39
N ALA B 31 17.23 -18.27 -16.02
CA ALA B 31 17.68 -19.64 -16.31
C ALA B 31 16.47 -20.55 -16.26
N GLY B 32 16.59 -21.73 -16.90
CA GLY B 32 15.51 -22.74 -16.92
C GLY B 32 14.34 -22.29 -17.75
N VAL B 33 14.63 -21.51 -18.77
CA VAL B 33 13.56 -21.02 -19.69
C VAL B 33 12.81 -22.26 -20.24
N GLY B 34 11.49 -22.12 -20.30
CA GLY B 34 10.57 -23.15 -20.82
C GLY B 34 9.97 -24.00 -19.71
N ASN B 35 10.66 -24.16 -18.55
CA ASN B 35 10.09 -24.82 -17.35
C ASN B 35 8.75 -24.17 -17.05
N ASP B 36 7.74 -24.97 -16.74
CA ASP B 36 6.35 -24.49 -16.54
C ASP B 36 6.34 -23.42 -15.43
N GLN B 37 6.95 -23.64 -14.27
CA GLN B 37 6.76 -22.79 -13.07
C GLN B 37 7.94 -21.80 -12.94
N THR B 38 7.61 -20.52 -13.01
CA THR B 38 8.53 -19.40 -12.74
C THR B 38 8.64 -19.21 -11.21
N VAL B 39 9.84 -18.85 -10.76
CA VAL B 39 10.16 -18.50 -9.35
C VAL B 39 11.14 -17.33 -9.39
N VAL B 40 10.91 -16.36 -8.51
CA VAL B 40 11.76 -15.14 -8.40
C VAL B 40 12.62 -15.30 -7.14
N LEU B 41 13.92 -15.10 -7.27
CA LEU B 41 14.85 -15.10 -6.14
C LEU B 41 15.22 -13.67 -5.82
N LEU B 42 15.21 -13.32 -4.52
CA LEU B 42 15.63 -12.00 -4.01
C LEU B 42 16.74 -12.18 -2.96
N HIS B 43 17.92 -11.68 -3.32
CA HIS B 43 19.19 -11.73 -2.51
C HIS B 43 19.08 -10.87 -1.22
N GLY B 44 20.04 -11.04 -0.31
CA GLY B 44 20.18 -10.26 0.92
C GLY B 44 20.81 -8.88 0.74
N GLY B 45 20.88 -8.12 1.84
CA GLY B 45 21.23 -6.68 1.88
C GLY B 45 22.66 -6.37 2.30
N GLY B 46 23.50 -7.38 2.49
CA GLY B 46 24.90 -7.22 2.88
C GLY B 46 25.66 -6.42 1.82
N PRO B 47 26.81 -5.79 2.14
CA PRO B 47 27.56 -4.96 1.20
C PRO B 47 28.17 -5.80 0.06
N GLY B 48 27.96 -5.35 -1.19
CA GLY B 48 28.34 -6.07 -2.41
C GLY B 48 27.51 -7.30 -2.66
N ALA B 49 26.37 -7.41 -1.99
CA ALA B 49 25.42 -8.53 -2.25
C ALA B 49 24.79 -8.32 -3.64
N ALA B 50 24.47 -9.43 -4.32
CA ALA B 50 23.84 -9.44 -5.64
C ALA B 50 23.27 -10.84 -5.87
N SER B 51 22.37 -10.97 -6.85
CA SER B 51 21.68 -12.22 -7.23
C SER B 51 22.68 -13.32 -7.49
N TRP B 52 23.66 -13.04 -8.33
CA TRP B 52 24.55 -14.13 -8.84
C TRP B 52 25.50 -14.58 -7.71
N THR B 53 26.11 -13.68 -6.98
CA THR B 53 26.97 -14.04 -5.82
C THR B 53 26.12 -14.73 -4.73
N ASN B 54 24.95 -14.21 -4.41
CA ASN B 54 24.10 -14.81 -3.36
C ASN B 54 23.65 -16.23 -3.70
N PHE B 55 23.28 -16.47 -4.96
CA PHE B 55 22.50 -17.67 -5.32
C PHE B 55 23.14 -18.50 -6.45
N SER B 56 24.33 -18.16 -6.90
CA SER B 56 24.97 -18.70 -8.14
C SER B 56 24.80 -20.23 -8.18
N ARG B 57 25.21 -20.92 -7.11
CA ARG B 57 25.12 -22.40 -7.12
C ARG B 57 23.64 -22.83 -7.07
N ASN B 58 22.80 -22.22 -6.22
CA ASN B 58 21.38 -22.62 -6.06
C ASN B 58 20.65 -22.44 -7.39
N ILE B 59 21.02 -21.44 -8.20
CA ILE B 59 20.31 -21.15 -9.49
C ILE B 59 20.47 -22.37 -10.40
N ALA B 60 21.68 -22.90 -10.58
CA ALA B 60 21.88 -24.02 -11.52
C ALA B 60 20.94 -25.12 -11.10
N VAL B 61 20.81 -25.35 -9.79
CA VAL B 61 20.00 -26.49 -9.25
C VAL B 61 18.52 -26.17 -9.43
N LEU B 62 18.07 -24.98 -9.02
CA LEU B 62 16.64 -24.63 -9.16
C LEU B 62 16.22 -24.56 -10.65
N ALA B 63 17.10 -24.13 -11.56
CA ALA B 63 16.82 -24.02 -13.02
C ALA B 63 16.58 -25.41 -13.66
N ARG B 64 17.03 -26.52 -13.05
CA ARG B 64 16.61 -27.88 -13.47
C ARG B 64 15.12 -28.06 -13.30
N HIS B 65 14.42 -27.27 -12.50
CA HIS B 65 12.98 -27.49 -12.18
C HIS B 65 12.11 -26.29 -12.51
N PHE B 66 12.68 -25.10 -12.47
CA PHE B 66 11.92 -23.85 -12.43
C PHE B 66 12.52 -22.93 -13.49
N HIS B 67 11.70 -22.03 -14.01
CA HIS B 67 12.15 -20.82 -14.71
C HIS B 67 12.52 -19.82 -13.59
N VAL B 68 13.81 -19.63 -13.35
CA VAL B 68 14.38 -18.78 -12.26
C VAL B 68 14.65 -17.37 -12.80
N LEU B 69 14.06 -16.38 -12.16
CA LEU B 69 14.40 -14.95 -12.29
C LEU B 69 15.01 -14.49 -10.96
N ALA B 70 16.30 -14.17 -10.99
CA ALA B 70 17.09 -13.78 -9.81
C ALA B 70 17.36 -12.30 -9.98
N VAL B 71 16.64 -11.46 -9.25
CA VAL B 71 16.61 -9.98 -9.51
C VAL B 71 17.59 -9.27 -8.56
N ASP B 72 18.45 -8.42 -9.13
CA ASP B 72 19.25 -7.45 -8.34
C ASP B 72 18.31 -6.36 -7.87
N GLN B 73 18.20 -6.20 -6.55
CA GLN B 73 17.27 -5.22 -5.96
C GLN B 73 17.89 -3.86 -6.25
N PRO B 74 17.06 -2.80 -6.35
CA PRO B 74 17.53 -1.43 -6.52
C PRO B 74 18.56 -1.13 -5.44
N GLY B 75 19.69 -0.53 -5.79
CA GLY B 75 20.80 -0.30 -4.86
C GLY B 75 21.86 -1.39 -4.91
N TYR B 76 21.67 -2.47 -5.66
CA TYR B 76 22.59 -3.64 -5.57
C TYR B 76 22.88 -4.19 -6.96
N GLY B 77 24.06 -4.83 -7.07
CA GLY B 77 24.51 -5.53 -8.28
C GLY B 77 24.59 -4.56 -9.43
N HIS B 78 23.84 -4.80 -10.49
CA HIS B 78 23.83 -3.92 -11.69
C HIS B 78 22.49 -3.21 -11.76
N SER B 79 21.69 -3.19 -10.70
CA SER B 79 20.43 -2.40 -10.76
C SER B 79 20.78 -0.94 -10.43
N ASP B 80 19.89 -0.02 -10.75
CA ASP B 80 20.13 1.44 -10.50
C ASP B 80 20.39 1.62 -9.00
N LYS B 81 21.26 2.56 -8.64
CA LYS B 81 21.75 2.85 -7.26
C LYS B 81 21.46 4.32 -7.01
N ARG B 82 20.20 4.65 -6.77
CA ARG B 82 19.79 6.04 -6.49
C ARG B 82 20.33 6.50 -5.13
N ALA B 83 20.46 7.82 -4.95
CA ALA B 83 21.03 8.43 -3.74
C ALA B 83 19.93 8.58 -2.69
N GLU B 84 18.66 8.29 -3.04
CA GLU B 84 17.46 8.52 -2.20
C GLU B 84 16.26 7.67 -2.70
N HIS B 85 15.40 7.23 -1.78
CA HIS B 85 14.15 6.45 -2.06
C HIS B 85 13.33 6.38 -0.78
N GLY B 86 12.09 5.89 -0.81
CA GLY B 86 11.27 5.69 0.40
C GLY B 86 11.75 4.49 1.22
N GLN B 87 10.86 3.89 2.01
CA GLN B 87 11.12 2.61 2.73
C GLN B 87 11.52 1.56 1.67
N PHE B 88 12.72 1.00 1.83
CA PHE B 88 13.40 0.23 0.79
C PHE B 88 12.48 -0.90 0.30
N ASN B 89 11.75 -1.53 1.20
CA ASN B 89 11.10 -2.81 0.83
C ASN B 89 9.93 -2.47 -0.07
N ARG B 90 9.22 -1.38 0.21
CA ARG B 90 8.09 -0.93 -0.67
C ARG B 90 8.64 -0.39 -2.01
N TYR B 91 9.73 0.35 -1.99
CA TYR B 91 10.52 0.76 -3.19
C TYR B 91 10.94 -0.48 -4.01
N ALA B 92 11.63 -1.46 -3.43
CA ALA B 92 12.03 -2.69 -4.14
C ALA B 92 10.78 -3.43 -4.61
N ALA B 93 9.69 -3.49 -3.84
CA ALA B 93 8.47 -4.22 -4.25
C ALA B 93 7.77 -3.53 -5.45
N MET B 94 7.76 -2.20 -5.49
CA MET B 94 7.20 -1.43 -6.63
C MET B 94 8.04 -1.71 -7.89
N ALA B 95 9.34 -1.78 -7.76
CA ALA B 95 10.31 -2.06 -8.83
C ALA B 95 9.96 -3.45 -9.40
N LEU B 96 9.79 -4.39 -8.48
CA LEU B 96 9.46 -5.81 -8.78
C LEU B 96 8.11 -5.91 -9.48
N LYS B 97 7.10 -5.19 -8.99
CA LYS B 97 5.75 -5.09 -9.61
C LYS B 97 5.90 -4.62 -11.07
N GLY B 98 6.72 -3.57 -11.29
CA GLY B 98 7.08 -3.07 -12.64
C GLY B 98 7.61 -4.21 -13.48
N LEU B 99 8.50 -5.04 -12.90
CA LEU B 99 9.15 -6.10 -13.70
C LEU B 99 8.15 -7.20 -14.01
N PHE B 100 7.31 -7.56 -13.05
CA PHE B 100 6.23 -8.56 -13.25
C PHE B 100 5.28 -8.10 -14.37
N ASP B 101 4.84 -6.85 -14.32
CA ASP B 101 3.97 -6.25 -15.37
C ASP B 101 4.67 -6.28 -16.74
N GLN B 102 5.92 -5.84 -16.84
CA GLN B 102 6.69 -5.81 -18.10
C GLN B 102 6.79 -7.24 -18.65
N LEU B 103 7.17 -8.24 -17.84
CA LEU B 103 7.38 -9.64 -18.32
C LEU B 103 6.06 -10.41 -18.34
N GLY B 104 4.90 -9.79 -18.18
CA GLY B 104 3.61 -10.52 -18.14
C GLY B 104 3.58 -11.68 -17.14
N LEU B 105 4.21 -11.56 -15.96
CA LEU B 105 4.12 -12.63 -14.91
C LEU B 105 2.77 -12.48 -14.21
N GLY B 106 2.08 -13.57 -13.97
CA GLY B 106 0.83 -13.56 -13.19
C GLY B 106 1.15 -13.63 -11.70
N ARG B 107 0.94 -14.81 -11.11
CA ARG B 107 1.11 -15.09 -9.66
C ARG B 107 2.33 -15.97 -9.55
N VAL B 108 3.40 -15.52 -8.91
CA VAL B 108 4.68 -16.27 -8.96
C VAL B 108 5.17 -16.51 -7.53
N PRO B 109 5.70 -17.72 -7.20
CA PRO B 109 6.35 -17.93 -5.91
C PRO B 109 7.60 -17.04 -5.75
N LEU B 110 7.93 -16.71 -4.51
CA LEU B 110 9.13 -15.87 -4.23
C LEU B 110 9.99 -16.52 -3.15
N VAL B 111 11.30 -16.44 -3.35
CA VAL B 111 12.33 -16.96 -2.45
C VAL B 111 13.15 -15.73 -2.14
N GLY B 112 13.30 -15.43 -0.85
CA GLY B 112 14.05 -14.26 -0.39
C GLY B 112 14.87 -14.55 0.85
N ASN B 113 16.07 -14.03 0.84
CA ASN B 113 17.10 -14.08 1.90
C ASN B 113 17.15 -12.69 2.56
N SER B 114 16.94 -12.54 3.87
CA SER B 114 17.27 -11.30 4.65
C SER B 114 16.49 -10.09 4.10
N LEU B 115 17.12 -9.04 3.57
CA LEU B 115 16.42 -7.89 2.92
C LEU B 115 15.46 -8.37 1.81
N GLY B 116 15.91 -9.31 0.99
CA GLY B 116 15.03 -9.82 -0.10
C GLY B 116 13.78 -10.51 0.43
N GLY B 117 13.84 -11.15 1.60
CA GLY B 117 12.66 -11.74 2.26
C GLY B 117 11.65 -10.70 2.66
N GLY B 118 12.14 -9.57 3.21
CA GLY B 118 11.28 -8.42 3.50
C GLY B 118 10.66 -7.88 2.24
N THR B 119 11.45 -7.77 1.16
CA THR B 119 10.90 -7.28 -0.14
C THR B 119 9.78 -8.21 -0.61
N ALA B 120 10.01 -9.52 -0.52
CA ALA B 120 9.06 -10.55 -0.96
C ALA B 120 7.77 -10.43 -0.17
N VAL B 121 7.93 -10.29 1.14
CA VAL B 121 6.76 -10.10 2.03
C VAL B 121 6.03 -8.79 1.65
N ARG B 122 6.74 -7.65 1.53
CA ARG B 122 6.06 -6.35 1.27
C ARG B 122 5.30 -6.48 -0.07
N PHE B 123 5.91 -7.15 -1.04
CA PHE B 123 5.29 -7.40 -2.36
C PHE B 123 4.04 -8.25 -2.19
N ALA B 124 4.13 -9.35 -1.43
CA ALA B 124 2.98 -10.26 -1.17
C ALA B 124 1.85 -9.57 -0.39
N LEU B 125 2.14 -8.57 0.42
CA LEU B 125 1.03 -7.85 1.14
C LEU B 125 0.41 -6.78 0.25
N ASP B 126 1.23 -6.01 -0.47
CA ASP B 126 0.70 -4.88 -1.30
C ASP B 126 0.02 -5.40 -2.59
N TYR B 127 0.50 -6.49 -3.20
CA TYR B 127 -0.07 -7.05 -4.45
C TYR B 127 -0.44 -8.51 -4.23
N PRO B 128 -1.46 -8.82 -3.42
CA PRO B 128 -1.64 -10.17 -2.90
C PRO B 128 -1.85 -11.19 -4.03
N ALA B 129 -2.50 -10.79 -5.11
CA ALA B 129 -2.83 -11.73 -6.20
C ALA B 129 -1.56 -12.05 -7.03
N ARG B 130 -0.43 -11.37 -6.83
CA ARG B 130 0.78 -11.57 -7.69
C ARG B 130 1.85 -12.41 -7.00
N ALA B 131 1.70 -12.70 -5.71
CA ALA B 131 2.70 -13.51 -4.96
C ALA B 131 2.14 -14.90 -4.76
N GLY B 132 2.90 -15.93 -5.06
CA GLY B 132 2.48 -17.31 -4.70
C GLY B 132 3.09 -17.71 -3.37
N ARG B 133 3.44 -18.98 -3.25
CA ARG B 133 4.15 -19.52 -2.07
C ARG B 133 5.42 -18.69 -1.82
N LEU B 134 5.74 -18.44 -0.54
CA LEU B 134 7.00 -17.73 -0.16
C LEU B 134 7.93 -18.71 0.55
N VAL B 135 9.21 -18.61 0.23
CA VAL B 135 10.31 -19.25 0.98
C VAL B 135 11.17 -18.09 1.48
N LEU B 136 11.30 -17.88 2.79
CA LEU B 136 12.07 -16.76 3.40
C LEU B 136 13.18 -17.33 4.30
N MET B 137 14.44 -17.08 3.96
CA MET B 137 15.63 -17.49 4.72
C MET B 137 16.06 -16.30 5.54
N GLY B 138 15.98 -16.45 6.86
CA GLY B 138 16.42 -15.46 7.85
C GLY B 138 15.95 -14.07 7.50
N PRO B 139 14.67 -13.91 7.18
CA PRO B 139 14.18 -12.70 6.55
C PRO B 139 14.11 -11.51 7.50
N GLY B 140 14.34 -10.32 6.90
CA GLY B 140 14.14 -9.00 7.49
C GLY B 140 12.68 -8.60 7.44
N GLY B 141 12.33 -7.56 8.18
CA GLY B 141 10.97 -7.01 8.13
C GLY B 141 9.99 -7.84 8.91
N LEU B 142 9.74 -9.10 8.54
CA LEU B 142 8.73 -9.87 9.31
C LEU B 142 9.38 -10.47 10.56
N SER B 143 10.69 -10.31 10.74
CA SER B 143 11.44 -10.82 11.91
C SER B 143 11.38 -9.73 12.98
N ILE B 144 11.07 -10.11 14.22
CA ILE B 144 11.18 -9.21 15.40
C ILE B 144 11.87 -10.02 16.48
N ASN B 145 13.10 -9.64 16.81
CA ASN B 145 13.97 -10.38 17.76
C ASN B 145 13.43 -10.20 19.19
N LEU B 146 12.53 -11.06 19.62
CA LEU B 146 11.88 -10.94 20.94
C LEU B 146 12.88 -11.01 22.08
N PHE B 147 14.05 -11.62 21.88
CA PHE B 147 14.99 -11.79 23.01
C PHE B 147 16.32 -11.05 22.77
N ALA B 148 16.86 -11.06 21.54
CA ALA B 148 18.12 -10.40 21.15
C ALA B 148 18.01 -8.88 21.23
N PRO B 149 18.82 -8.22 22.06
CA PRO B 149 18.88 -6.75 21.99
C PRO B 149 19.24 -6.30 20.56
N ASP B 150 18.63 -5.22 20.11
CA ASP B 150 18.84 -4.63 18.76
C ASP B 150 19.67 -3.36 18.95
N PRO B 151 20.65 -3.04 18.08
CA PRO B 151 21.00 -3.89 16.93
C PRO B 151 21.79 -5.14 17.36
N THR B 152 21.58 -6.22 16.65
CA THR B 152 22.37 -7.46 16.79
C THR B 152 23.82 -7.25 16.31
N GLU B 153 24.64 -8.24 16.59
CA GLU B 153 26.08 -8.28 16.27
C GLU B 153 26.22 -8.14 14.76
N GLY B 154 25.44 -8.88 14.00
CA GLY B 154 25.51 -8.78 12.54
C GLY B 154 25.14 -7.38 12.08
N VAL B 155 24.08 -6.79 12.62
CA VAL B 155 23.62 -5.46 12.14
C VAL B 155 24.70 -4.42 12.48
N LYS B 156 25.32 -4.47 13.67
CA LYS B 156 26.38 -3.54 14.13
C LYS B 156 27.59 -3.58 13.21
N ARG B 157 28.03 -4.76 12.75
CA ARG B 157 29.19 -4.92 11.82
C ARG B 157 28.83 -4.42 10.43
N LEU B 158 27.57 -4.53 10.04
CA LEU B 158 27.08 -3.92 8.80
C LEU B 158 27.13 -2.39 8.90
N SER B 159 26.63 -1.81 9.98
CA SER B 159 26.67 -0.34 10.17
C SER B 159 28.11 0.13 10.21
N LYS B 160 28.97 -0.58 10.94
CA LYS B 160 30.40 -0.21 11.05
C LYS B 160 31.00 -0.13 9.65
N PHE B 161 30.88 -1.19 8.83
CA PHE B 161 31.40 -1.21 7.45
C PHE B 161 30.92 0.05 6.75
N SER B 162 29.65 0.37 6.91
CA SER B 162 28.98 1.48 6.19
C SER B 162 29.55 2.85 6.56
N VAL B 163 30.10 3.01 7.77
CA VAL B 163 30.75 4.25 8.27
C VAL B 163 32.24 4.23 7.90
N ALA B 164 32.86 3.06 7.83
CA ALA B 164 34.30 2.86 7.64
C ALA B 164 34.48 1.71 6.67
N PRO B 165 34.24 1.95 5.36
CA PRO B 165 34.20 0.88 4.36
C PRO B 165 35.57 0.33 3.96
N THR B 166 36.23 -0.30 4.92
CA THR B 166 37.52 -0.98 4.77
C THR B 166 37.30 -2.47 4.52
N ARG B 167 38.33 -3.13 4.00
CA ARG B 167 38.37 -4.57 3.71
C ARG B 167 38.15 -5.33 5.02
N GLU B 168 38.73 -4.81 6.10
CA GLU B 168 38.84 -5.48 7.41
C GLU B 168 37.47 -5.46 8.11
N ASN B 169 36.70 -4.37 7.96
CA ASN B 169 35.31 -4.25 8.48
C ASN B 169 34.37 -5.17 7.66
N LEU B 170 34.60 -5.34 6.35
CA LEU B 170 33.77 -6.24 5.51
C LEU B 170 34.03 -7.65 5.98
N GLU B 171 35.30 -7.98 6.20
CA GLU B 171 35.67 -9.32 6.70
C GLU B 171 34.94 -9.55 8.03
N ALA B 172 34.88 -8.57 8.95
CA ALA B 172 34.27 -8.79 10.28
C ALA B 172 32.77 -9.10 10.06
N PHE B 173 32.14 -8.45 9.10
CA PHE B 173 30.71 -8.64 8.79
C PHE B 173 30.48 -10.04 8.27
N LEU B 174 31.27 -10.48 7.31
CA LEU B 174 31.03 -11.77 6.61
C LEU B 174 31.21 -12.93 7.60
N ARG B 175 32.15 -12.79 8.52
CA ARG B 175 32.44 -13.81 9.54
C ARG B 175 31.21 -14.06 10.45
N VAL B 176 30.31 -13.10 10.64
CA VAL B 176 29.10 -13.36 11.46
C VAL B 176 27.89 -13.67 10.58
N MET B 177 28.08 -13.97 9.30
CA MET B 177 27.02 -14.48 8.39
C MET B 177 26.97 -16.01 8.42
N VAL B 178 28.01 -16.67 8.92
CA VAL B 178 28.19 -18.14 8.75
C VAL B 178 28.65 -18.74 10.09
N TYR B 179 28.32 -19.99 10.29
CA TYR B 179 28.80 -20.83 11.40
C TYR B 179 30.27 -21.21 11.17
N ASP B 180 30.56 -21.76 10.01
CA ASP B 180 31.92 -22.17 9.57
C ASP B 180 32.62 -20.97 8.92
N LYS B 181 33.42 -20.29 9.71
CA LYS B 181 34.16 -19.09 9.28
C LYS B 181 35.17 -19.41 8.18
N ASN B 182 35.44 -20.66 7.85
CA ASN B 182 36.34 -21.01 6.72
C ASN B 182 35.68 -20.71 5.37
N LEU B 183 34.35 -20.57 5.28
CA LEU B 183 33.72 -20.22 3.97
C LEU B 183 34.04 -18.77 3.62
N ILE B 184 34.62 -18.00 4.52
CA ILE B 184 34.98 -16.58 4.29
C ILE B 184 36.43 -16.62 3.77
N THR B 185 36.59 -16.87 2.47
CA THR B 185 37.91 -16.97 1.79
C THR B 185 38.47 -15.56 1.52
N PRO B 186 39.80 -15.41 1.49
CA PRO B 186 40.43 -14.16 1.01
C PRO B 186 39.83 -13.65 -0.30
N GLU B 187 39.40 -14.57 -1.19
CA GLU B 187 38.78 -14.29 -2.53
C GLU B 187 37.38 -13.69 -2.38
N LEU B 188 36.56 -14.36 -1.56
CA LEU B 188 35.19 -13.89 -1.24
C LEU B 188 35.34 -12.47 -0.71
N VAL B 189 36.21 -12.23 0.26
CA VAL B 189 36.42 -10.85 0.82
C VAL B 189 36.71 -9.92 -0.35
N ASP B 190 37.74 -10.25 -1.14
CA ASP B 190 38.25 -9.44 -2.28
C ASP B 190 37.10 -9.21 -3.26
N GLN B 191 36.37 -10.25 -3.63
CA GLN B 191 35.24 -10.11 -4.58
C GLN B 191 34.25 -9.07 -4.01
N ARG B 192 33.80 -9.26 -2.75
CA ARG B 192 32.68 -8.47 -2.15
C ARG B 192 33.20 -7.06 -1.89
N PHE B 193 34.45 -6.90 -1.41
CA PHE B 193 35.06 -5.57 -1.15
C PHE B 193 35.06 -4.76 -2.43
N ALA B 194 35.46 -5.39 -3.55
CA ALA B 194 35.47 -4.78 -4.89
C ALA B 194 34.08 -4.22 -5.21
N LEU B 195 33.02 -5.00 -5.04
CA LEU B 195 31.65 -4.56 -5.46
C LEU B 195 31.12 -3.53 -4.45
N ALA B 196 31.41 -3.70 -3.16
CA ALA B 196 30.82 -2.89 -2.04
C ALA B 196 31.44 -1.48 -2.01
N SER B 197 32.69 -1.34 -2.44
CA SER B 197 33.53 -0.12 -2.22
C SER B 197 33.49 0.83 -3.43
N THR B 198 32.87 0.46 -4.55
CA THR B 198 32.59 1.41 -5.65
C THR B 198 31.76 2.57 -5.09
N PRO B 199 31.97 3.84 -5.53
CA PRO B 199 31.31 4.98 -4.88
C PRO B 199 29.78 5.01 -5.05
N GLU B 200 29.22 4.41 -6.11
CA GLU B 200 27.74 4.31 -6.33
C GLU B 200 27.13 3.33 -5.32
N SER B 201 27.77 2.17 -5.08
CA SER B 201 27.34 1.21 -4.03
C SER B 201 27.36 1.92 -2.67
N LEU B 202 28.44 2.65 -2.39
CA LEU B 202 28.56 3.46 -1.14
C LEU B 202 27.35 4.40 -1.02
N THR B 203 26.98 5.13 -2.07
CA THR B 203 25.81 6.08 -2.05
C THR B 203 24.53 5.27 -1.83
N ALA B 204 24.44 4.08 -2.43
CA ALA B 204 23.28 3.16 -2.27
C ALA B 204 23.15 2.69 -0.81
N THR B 205 24.25 2.44 -0.10
CA THR B 205 24.24 2.03 1.35
C THR B 205 23.97 3.27 2.24
N ARG B 206 24.50 4.45 1.90
CA ARG B 206 24.13 5.72 2.59
C ARG B 206 22.64 6.04 2.38
N ALA B 207 22.08 5.77 1.19
CA ALA B 207 20.64 5.91 0.86
C ALA B 207 19.78 4.93 1.70
N MET B 208 20.22 3.67 1.78
CA MET B 208 19.65 2.59 2.62
C MET B 208 19.59 3.03 4.09
N GLY B 209 20.64 3.71 4.59
CA GLY B 209 20.73 4.27 5.96
C GLY B 209 19.52 5.13 6.31
N LYS B 210 19.46 6.32 5.70
CA LYS B 210 18.36 7.33 5.80
C LYS B 210 16.96 6.71 5.64
N SER B 211 16.79 5.65 4.85
CA SER B 211 15.45 5.06 4.56
C SER B 211 14.96 4.29 5.78
N PHE B 212 15.79 3.42 6.37
CA PHE B 212 15.43 2.51 7.49
C PHE B 212 15.33 3.34 8.77
N ALA B 213 16.12 4.43 8.82
CA ALA B 213 16.12 5.52 9.84
C ALA B 213 15.49 6.79 9.26
N GLY B 214 14.16 6.90 9.34
CA GLY B 214 13.32 7.90 8.64
C GLY B 214 11.89 7.66 9.07
N ALA B 215 10.95 8.54 8.73
CA ALA B 215 9.57 8.42 9.26
C ALA B 215 8.76 7.33 8.52
N ASP B 216 9.29 6.58 7.53
CA ASP B 216 8.49 5.53 6.81
C ASP B 216 8.82 4.12 7.36
N PHE B 217 9.28 4.04 8.60
CA PHE B 217 9.74 2.81 9.29
C PHE B 217 8.59 1.81 9.52
N GLU B 218 7.31 2.21 9.67
CA GLU B 218 6.20 1.28 10.01
C GLU B 218 6.02 0.27 8.86
N ALA B 219 6.22 0.69 7.61
CA ALA B 219 6.14 -0.22 6.45
C ALA B 219 7.23 -1.31 6.57
N GLY B 220 8.30 -1.07 7.34
CA GLY B 220 9.37 -2.07 7.57
C GLY B 220 8.96 -3.11 8.62
N MET B 221 7.93 -2.86 9.42
CA MET B 221 7.61 -3.73 10.59
C MET B 221 6.53 -4.74 10.18
N MET B 222 6.87 -5.67 9.30
CA MET B 222 5.87 -6.53 8.62
C MET B 222 5.42 -7.68 9.54
N TRP B 223 6.05 -7.85 10.70
CA TRP B 223 5.57 -8.78 11.76
C TRP B 223 4.17 -8.35 12.20
N ARG B 224 3.81 -7.09 11.96
CA ARG B 224 2.49 -6.53 12.31
C ARG B 224 1.47 -6.91 11.26
N GLU B 225 1.90 -7.39 10.09
CA GLU B 225 0.98 -7.48 8.94
C GLU B 225 0.83 -8.91 8.41
N VAL B 226 1.70 -9.84 8.75
CA VAL B 226 1.82 -11.13 7.99
C VAL B 226 0.65 -12.07 8.32
N TYR B 227 -0.17 -11.76 9.30
CA TYR B 227 -1.49 -12.45 9.53
C TYR B 227 -2.36 -12.31 8.29
N ARG B 228 -2.14 -11.33 7.40
CA ARG B 228 -2.91 -11.27 6.13
C ARG B 228 -2.40 -12.28 5.09
N LEU B 229 -1.17 -12.81 5.14
CA LEU B 229 -0.67 -13.71 4.07
C LEU B 229 -1.56 -14.98 4.01
N ARG B 230 -2.11 -15.32 2.84
CA ARG B 230 -3.08 -16.45 2.64
C ARG B 230 -2.42 -17.68 2.03
N GLN B 231 -1.25 -17.49 1.44
CA GLN B 231 -0.47 -18.60 0.86
C GLN B 231 0.38 -19.31 1.93
N PRO B 232 0.78 -20.57 1.63
CA PRO B 232 1.85 -21.24 2.33
C PRO B 232 3.15 -20.41 2.28
N VAL B 233 3.77 -20.36 3.46
CA VAL B 233 5.04 -19.66 3.72
C VAL B 233 5.97 -20.62 4.44
N LEU B 234 7.14 -20.85 3.87
CA LEU B 234 8.18 -21.67 4.54
C LEU B 234 9.26 -20.75 5.06
N LEU B 235 9.36 -20.62 6.39
CA LEU B 235 10.47 -19.88 7.01
C LEU B 235 11.65 -20.84 7.19
N ILE B 236 12.85 -20.38 6.85
CA ILE B 236 14.11 -21.17 6.91
C ILE B 236 15.15 -20.35 7.65
N TRP B 237 15.74 -20.99 8.66
CA TRP B 237 16.59 -20.34 9.66
C TRP B 237 17.76 -21.25 9.96
N GLY B 238 18.95 -20.63 9.98
CA GLY B 238 20.15 -21.11 10.67
C GLY B 238 19.98 -20.91 12.16
N ARG B 239 20.20 -21.95 12.95
CA ARG B 239 20.14 -21.84 14.43
C ARG B 239 21.12 -20.78 14.94
N GLU B 240 22.26 -20.58 14.25
CA GLU B 240 23.38 -19.72 14.69
C GLU B 240 23.37 -18.37 13.94
N ASP B 241 22.25 -18.00 13.37
CA ASP B 241 22.10 -16.72 12.64
C ASP B 241 22.37 -15.58 13.65
N ARG B 242 23.40 -14.78 13.38
CA ARG B 242 23.87 -13.65 14.22
C ARG B 242 23.42 -12.32 13.65
N VAL B 243 22.67 -12.29 12.56
CA VAL B 243 22.12 -11.03 11.99
C VAL B 243 20.66 -10.82 12.37
N ASN B 244 19.88 -11.83 12.01
CA ASN B 244 18.43 -12.01 12.26
C ASN B 244 18.33 -13.29 13.04
N PRO B 245 18.53 -13.30 14.36
CA PRO B 245 18.54 -14.55 15.11
C PRO B 245 17.19 -15.29 15.17
N LEU B 246 17.25 -16.57 15.53
CA LEU B 246 16.07 -17.48 15.50
C LEU B 246 14.85 -16.93 16.25
N ASP B 247 15.02 -16.18 17.36
CA ASP B 247 13.85 -15.60 18.09
C ASP B 247 13.02 -14.63 17.19
N GLY B 248 13.55 -14.13 16.09
CA GLY B 248 12.77 -13.31 15.14
C GLY B 248 11.78 -14.12 14.30
N ALA B 249 11.84 -15.45 14.26
CA ALA B 249 10.87 -16.27 13.51
C ALA B 249 9.50 -16.34 14.21
N LEU B 250 9.41 -16.09 15.52
CA LEU B 250 8.27 -16.58 16.35
C LEU B 250 6.98 -15.85 15.97
N VAL B 251 6.97 -14.56 15.76
CA VAL B 251 5.70 -13.85 15.44
C VAL B 251 5.15 -14.33 14.07
N ALA B 252 5.98 -14.38 13.06
CA ALA B 252 5.56 -14.83 11.72
C ALA B 252 5.09 -16.27 11.82
N LEU B 253 5.78 -17.14 12.58
CA LEU B 253 5.38 -18.57 12.64
C LEU B 253 3.99 -18.70 13.26
N LYS B 254 3.73 -17.91 14.31
CA LYS B 254 2.44 -17.91 14.99
C LYS B 254 1.34 -17.31 14.10
N THR B 255 1.59 -16.22 13.42
CA THR B 255 0.48 -15.42 12.85
C THR B 255 0.26 -15.73 11.34
N ILE B 256 1.20 -16.30 10.62
CA ILE B 256 0.90 -16.71 9.22
C ILE B 256 0.10 -18.03 9.26
N PRO B 257 -1.18 -18.06 8.82
CA PRO B 257 -2.00 -19.27 8.97
C PRO B 257 -1.31 -20.52 8.42
N ARG B 258 -0.70 -20.42 7.26
CA ARG B 258 -0.15 -21.63 6.58
C ARG B 258 1.38 -21.59 6.63
N ALA B 259 1.92 -21.14 7.76
CA ALA B 259 3.38 -21.14 7.93
C ALA B 259 3.93 -22.54 8.24
N GLN B 260 5.18 -22.71 7.86
CA GLN B 260 6.12 -23.75 8.25
C GLN B 260 7.44 -23.06 8.57
N LEU B 261 8.16 -23.69 9.48
CA LEU B 261 9.50 -23.25 9.87
C LEU B 261 10.43 -24.42 9.74
N HIS B 262 11.61 -24.19 9.19
CA HIS B 262 12.67 -25.22 9.22
C HIS B 262 13.92 -24.57 9.75
N VAL B 263 14.48 -25.13 10.81
CA VAL B 263 15.72 -24.62 11.42
C VAL B 263 16.81 -25.67 11.18
N PHE B 264 18.00 -25.23 10.76
CA PHE B 264 19.21 -26.09 10.64
C PHE B 264 20.21 -25.74 11.73
N GLY B 265 20.55 -26.72 12.55
CA GLY B 265 21.69 -26.60 13.46
C GLY B 265 22.96 -26.44 12.66
N GLN B 266 23.93 -25.73 13.21
CA GLN B 266 25.29 -25.63 12.68
C GLN B 266 25.20 -24.91 11.35
N CYS B 267 24.48 -23.82 11.37
CA CYS B 267 24.20 -23.01 10.19
C CYS B 267 23.98 -21.57 10.63
N GLY B 268 24.67 -20.64 9.97
CA GLY B 268 24.48 -19.20 10.13
C GLY B 268 23.36 -18.65 9.27
N HIS B 269 23.41 -17.34 9.07
CA HIS B 269 22.44 -16.55 8.28
C HIS B 269 22.39 -16.99 6.81
N TRP B 270 23.50 -17.43 6.23
CA TRP B 270 23.57 -17.90 4.82
C TRP B 270 23.21 -19.37 4.68
N VAL B 271 21.94 -19.68 4.84
CA VAL B 271 21.44 -21.07 4.77
C VAL B 271 21.72 -21.61 3.36
N GLN B 272 21.57 -20.77 2.33
CA GLN B 272 21.55 -21.23 0.90
C GLN B 272 22.97 -21.64 0.54
N VAL B 273 23.96 -21.20 1.31
CA VAL B 273 25.39 -21.60 1.15
C VAL B 273 25.76 -22.77 2.09
N GLU B 274 25.52 -22.62 3.39
CA GLU B 274 26.03 -23.51 4.47
C GLU B 274 25.27 -24.83 4.54
N LYS B 275 24.01 -24.86 4.11
CA LYS B 275 23.14 -26.05 3.98
C LYS B 275 22.60 -26.09 2.52
N PHE B 276 23.47 -25.80 1.56
CA PHE B 276 23.19 -25.69 0.10
C PHE B 276 22.20 -26.77 -0.34
N ASP B 277 22.52 -28.03 -0.11
CA ASP B 277 21.72 -29.19 -0.61
C ASP B 277 20.34 -29.24 0.03
N GLU B 278 20.30 -29.22 1.36
CA GLU B 278 19.04 -29.35 2.10
C GLU B 278 18.17 -28.15 1.75
N PHE B 279 18.76 -26.97 1.58
CA PHE B 279 18.00 -25.74 1.20
C PHE B 279 17.39 -25.91 -0.19
N ASN B 280 18.19 -26.31 -1.18
CA ASN B 280 17.67 -26.53 -2.54
C ASN B 280 16.52 -27.53 -2.47
N LYS B 281 16.70 -28.65 -1.77
CA LYS B 281 15.66 -29.73 -1.73
C LYS B 281 14.38 -29.27 -1.04
N LEU B 282 14.46 -28.56 0.10
CA LEU B 282 13.26 -27.96 0.74
C LEU B 282 12.50 -27.04 -0.24
N THR B 283 13.23 -26.13 -0.86
CA THR B 283 12.65 -25.12 -1.78
C THR B 283 11.98 -25.86 -2.92
N ILE B 284 12.68 -26.80 -3.53
CA ILE B 284 12.10 -27.58 -4.67
C ILE B 284 10.84 -28.28 -4.18
N GLU B 285 10.91 -29.06 -3.11
CA GLU B 285 9.70 -29.77 -2.63
C GLU B 285 8.58 -28.76 -2.32
N PHE B 286 8.90 -27.64 -1.67
CA PHE B 286 7.83 -26.78 -1.11
C PHE B 286 7.14 -26.02 -2.26
N LEU B 287 7.89 -25.63 -3.27
CA LEU B 287 7.31 -24.89 -4.41
C LEU B 287 6.65 -25.86 -5.37
N GLY B 288 6.69 -27.18 -5.12
CA GLY B 288 5.86 -28.19 -5.80
C GLY B 288 6.66 -29.13 -6.70
N GLY B 289 8.00 -29.14 -6.64
CA GLY B 289 8.83 -30.08 -7.43
C GLY B 289 9.06 -29.59 -8.86
N GLY B 290 8.19 -28.66 -9.33
CA GLY B 290 8.28 -27.92 -10.60
C GLY B 290 7.79 -28.74 -11.78
#